data_1E72
#
_entry.id   1E72
#
_cell.length_a   135.300
_cell.length_b   137.200
_cell.length_c   80.600
_cell.angle_alpha   90.00
_cell.angle_beta   90.00
_cell.angle_gamma   90.00
#
_symmetry.space_group_name_H-M   'C 2 2 21'
#
loop_
_entity.id
_entity.type
_entity.pdbx_description
1 polymer 'MYROSINASE MA1'
2 branched 2-acetamido-2-deoxy-beta-D-glucopyranose-(1-4)-2-acetamido-2-deoxy-beta-D-glucopyranose
3 branched beta-D-xylopyranose-(1-2)-beta-D-mannopyranose-(1-4)-2-acetamido-2-deoxy-beta-D-glucopyranose-(1-4)-[alpha-L-fucopyranose-(1-3)]2-acetamido-2-deoxy-beta-D-glucopyranose
4 branched beta-D-xylopyranose-(1-2)-[alpha-D-mannopyranose-(1-3)]beta-D-mannopyranose-(1-4)-2-acetamido-2-deoxy-beta-D-glucopyranose-(1-4)-[alpha-L-fucopyranose-(1-3)]2-acetamido-2-deoxy-beta-D-glucopyranose
5 non-polymer 2-acetamido-2-deoxy-beta-D-glucopyranose
6 non-polymer 'ASCORBIC ACID'
7 non-polymer (2S,3S,4R,5R)-6-(HYDROXYAMINO)-2-(HYDROXYMETHYL)-2,3,4,5-TETRAHYDROPYRIDINE-3,4,5-TRIOL
8 non-polymer 'ZINC ION'
9 non-polymer 'SULFATE ION'
10 non-polymer GLYCEROL
11 water water
#
_entity_poly.entity_id   1
_entity_poly.type   'polypeptide(L)'
_entity_poly.pdbx_seq_one_letter_code
;DEEITCQENLPFTCGNTDALNSSSFSSDFIFGVASSAYQIEGTIGRGLNIWDGFTHRYPNKSGPDHGNGDTTCDSFSYWQ
KDIDVLDELNATGYRFSIAWSRIIPRGKRSRGVNEKGIDYYHGLISGLIKKGITPFVTLFHWDLPQTLQDEYEGFLDPQI
IDDFKDYADLCFEEFGDSVKYWLTINQLYSVPTRGYGSALDAPGRCSPTVDPSCYAGNSSTEPYIVAHHQLLAHAKVVDL
YRKNYTHQGGKIGPTMITRWFLPYNDTDRHSIAATERMKEFFLGWFMGPLTNGTYPQIMIDTVGERLPSFSPEESNLVKG
SYDFLGLNYYFTQYAQPSPNPVNSTNHTAMMDAGAKLTYINASGHYIGPLFEKDKADSTDNIYYYPKGIYSVMDYFKNKY
YNPLIYVTENGISTPGDENRNQSMLDYTRIDYLCSHLCFLNKVIKEKDVNVKGYLAWALGDNYEFNKGFTVRFGLSYIDW
NNVTDRDLKKSGQWYQSFISP
;
_entity_poly.pdbx_strand_id   M
#
loop_
_chem_comp.id
_chem_comp.type
_chem_comp.name
_chem_comp.formula
ASC L-saccharide 'ASCORBIC ACID' 'C6 H8 O6'
BMA D-saccharide, beta linking beta-D-mannopyranose 'C6 H12 O6'
FUC L-saccharide, alpha linking alpha-L-fucopyranose 'C6 H12 O5'
GOL non-polymer GLYCEROL 'C3 H8 O3'
GOX non-polymer (2S,3S,4R,5R)-6-(HYDROXYAMINO)-2-(HYDROXYMETHYL)-2,3,4,5-TETRAHYDROPYRIDINE-3,4,5-TRIOL 'C6 H12 N2 O5'
MAN D-saccharide, alpha linking alpha-D-mannopyranose 'C6 H12 O6'
NAG D-saccharide, beta linking 2-acetamido-2-deoxy-beta-D-glucopyranose 'C8 H15 N O6'
SO4 non-polymer 'SULFATE ION' 'O4 S -2'
XYP D-saccharide, beta linking beta-D-xylopyranose 'C5 H10 O5'
ZN non-polymer 'ZINC ION' 'Zn 2'
#
# COMPACT_ATOMS: atom_id res chain seq x y z
N GLU A 3 -9.28 30.11 -7.52
CA GLU A 3 -9.59 29.38 -6.26
C GLU A 3 -10.31 28.07 -6.57
N ILE A 4 -9.82 27.01 -5.96
CA ILE A 4 -10.37 25.66 -6.17
C ILE A 4 -11.31 25.29 -5.05
N THR A 5 -12.49 24.82 -5.41
CA THR A 5 -13.46 24.34 -4.45
C THR A 5 -13.66 22.86 -4.77
N CYS A 6 -13.56 22.03 -3.76
CA CYS A 6 -13.76 20.60 -3.91
C CYS A 6 -14.89 20.14 -3.01
N GLN A 7 -15.62 19.17 -3.44
CA GLN A 7 -16.74 18.60 -2.68
C GLN A 7 -16.26 17.51 -1.72
N GLU A 8 -16.95 17.46 -0.58
CA GLU A 8 -16.68 16.47 0.44
C GLU A 8 -17.81 15.45 0.60
N ASN A 9 -18.97 15.83 0.05
CA ASN A 9 -20.14 14.95 0.25
C ASN A 9 -20.85 14.65 -1.04
N LEU A 10 -21.58 13.54 -1.15
CA LEU A 10 -22.41 13.28 -2.30
C LEU A 10 -23.46 14.37 -2.43
N PRO A 11 -23.86 14.73 -3.64
CA PRO A 11 -23.33 14.20 -4.88
C PRO A 11 -22.10 14.97 -5.31
N PHE A 12 -21.26 14.27 -6.04
CA PHE A 12 -20.06 14.86 -6.58
C PHE A 12 -20.36 15.25 -8.03
N THR A 13 -19.63 16.30 -8.46
CA THR A 13 -19.77 16.73 -9.85
C THR A 13 -18.40 16.78 -10.52
N CYS A 14 -17.38 16.20 -9.89
CA CYS A 14 -16.01 16.20 -10.43
C CYS A 14 -15.77 15.17 -11.51
N GLY A 15 -16.76 14.39 -11.94
CA GLY A 15 -16.61 13.42 -12.99
C GLY A 15 -16.72 14.08 -14.36
N ASN A 16 -17.01 15.38 -14.38
CA ASN A 16 -17.12 16.11 -15.63
C ASN A 16 -15.73 16.64 -15.98
N THR A 17 -15.17 16.10 -17.05
CA THR A 17 -13.79 16.42 -17.42
C THR A 17 -13.62 17.81 -18.01
N ASP A 18 -14.72 18.52 -18.17
CA ASP A 18 -14.69 19.93 -18.50
C ASP A 18 -14.25 20.71 -17.25
N ALA A 19 -14.47 20.22 -16.06
CA ALA A 19 -14.16 20.92 -14.84
C ALA A 19 -12.87 20.38 -14.20
N LEU A 20 -12.57 19.11 -14.38
CA LEU A 20 -11.40 18.52 -13.75
C LEU A 20 -10.77 17.53 -14.72
N ASN A 21 -9.48 17.78 -15.07
CA ASN A 21 -8.82 16.83 -15.96
C ASN A 21 -7.33 16.92 -15.76
N SER A 22 -6.53 16.16 -16.50
CA SER A 22 -5.10 16.15 -16.29
C SER A 22 -4.46 17.51 -16.53
N SER A 23 -5.05 18.36 -17.38
CA SER A 23 -4.53 19.69 -17.63
C SER A 23 -4.68 20.62 -16.44
N SER A 24 -5.47 20.22 -15.43
CA SER A 24 -5.58 20.93 -14.20
C SER A 24 -4.26 20.87 -13.43
N PHE A 25 -3.46 19.82 -13.65
CA PHE A 25 -2.20 19.54 -12.99
C PHE A 25 -1.01 19.96 -13.83
N SER A 26 0.21 20.00 -13.27
CA SER A 26 1.39 20.41 -14.04
C SER A 26 1.61 19.49 -15.22
N SER A 27 2.22 19.99 -16.32
CA SER A 27 2.36 19.15 -17.49
C SER A 27 3.14 17.86 -17.29
N ASP A 28 4.08 17.79 -16.39
CA ASP A 28 4.86 16.57 -16.20
C ASP A 28 4.21 15.59 -15.23
N PHE A 29 3.01 15.89 -14.73
CA PHE A 29 2.44 15.03 -13.69
C PHE A 29 2.11 13.67 -14.25
N ILE A 30 2.42 12.60 -13.53
CA ILE A 30 2.19 11.24 -13.97
C ILE A 30 0.82 10.74 -13.51
N PHE A 31 0.09 10.15 -14.43
CA PHE A 31 -1.19 9.51 -14.10
C PHE A 31 -1.17 8.05 -14.55
N GLY A 32 -1.59 7.17 -13.62
CA GLY A 32 -1.65 5.77 -14.01
C GLY A 32 -2.47 4.99 -12.99
N VAL A 33 -2.11 3.71 -12.94
CA VAL A 33 -2.77 2.72 -12.08
C VAL A 33 -1.69 1.83 -11.49
N ALA A 34 -2.11 1.01 -10.54
CA ALA A 34 -1.21 0.15 -9.78
C ALA A 34 -1.76 -1.26 -9.63
N SER A 35 -0.80 -2.14 -9.31
CA SER A 35 -1.11 -3.55 -9.08
C SER A 35 -0.05 -4.13 -8.15
N SER A 36 -0.21 -5.43 -7.79
CA SER A 36 0.88 -6.11 -7.08
C SER A 36 0.91 -7.57 -7.58
N ALA A 37 2.08 -8.18 -7.42
CA ALA A 37 2.35 -9.47 -8.03
C ALA A 37 1.52 -10.62 -7.50
N TYR A 38 1.38 -10.73 -6.20
CA TYR A 38 0.57 -11.84 -5.68
C TYR A 38 -0.86 -11.74 -6.19
N GLN A 39 -1.34 -10.48 -6.27
CA GLN A 39 -2.70 -10.24 -6.61
C GLN A 39 -3.06 -10.47 -8.06
N ILE A 40 -2.05 -10.37 -8.95
CA ILE A 40 -2.39 -10.50 -10.38
C ILE A 40 -1.70 -11.62 -11.13
N GLU A 41 -0.55 -12.16 -10.69
CA GLU A 41 0.18 -12.99 -11.63
C GLU A 41 -0.28 -14.44 -11.75
N GLY A 42 -0.49 -15.07 -10.60
CA GLY A 42 -0.66 -16.51 -10.50
C GLY A 42 0.67 -17.11 -10.08
N THR A 43 0.61 -18.36 -9.56
CA THR A 43 1.75 -19.09 -9.10
C THR A 43 2.55 -19.74 -10.21
N ILE A 44 2.00 -19.86 -11.40
CA ILE A 44 2.75 -20.47 -12.49
C ILE A 44 4.09 -19.77 -12.64
N GLY A 45 5.16 -20.57 -12.72
CA GLY A 45 6.47 -20.05 -12.98
C GLY A 45 7.21 -19.40 -11.82
N ARG A 46 6.65 -19.51 -10.61
CA ARG A 46 7.33 -18.98 -9.44
C ARG A 46 7.33 -19.99 -8.28
N GLY A 47 8.18 -19.72 -7.32
CA GLY A 47 8.21 -20.43 -6.06
C GLY A 47 7.02 -19.97 -5.20
N LEU A 48 6.94 -20.58 -4.01
CA LEU A 48 5.87 -20.26 -3.09
C LEU A 48 6.30 -19.22 -2.09
N ASN A 49 5.34 -18.37 -1.75
CA ASN A 49 5.56 -17.29 -0.78
C ASN A 49 4.58 -17.39 0.37
N ILE A 50 4.76 -16.48 1.36
CA ILE A 50 3.94 -16.55 2.54
C ILE A 50 2.48 -16.20 2.28
N TRP A 51 2.13 -15.53 1.16
CA TRP A 51 0.71 -15.34 0.86
C TRP A 51 0.15 -16.64 0.32
N ASP A 52 0.93 -17.40 -0.45
CA ASP A 52 0.46 -18.75 -0.79
C ASP A 52 0.33 -19.54 0.50
N GLY A 53 1.34 -19.47 1.37
CA GLY A 53 1.31 -20.30 2.59
C GLY A 53 0.11 -19.97 3.46
N PHE A 54 -0.08 -18.67 3.69
CA PHE A 54 -1.15 -18.21 4.58
C PHE A 54 -2.52 -18.51 4.04
N THR A 55 -2.75 -18.21 2.76
CA THR A 55 -4.05 -18.47 2.17
C THR A 55 -4.41 -19.94 2.12
N HIS A 56 -3.40 -20.81 2.03
CA HIS A 56 -3.68 -22.24 1.99
C HIS A 56 -3.76 -22.85 3.39
N ARG A 57 -3.00 -22.37 4.35
CA ARG A 57 -3.03 -22.92 5.70
C ARG A 57 -4.27 -22.41 6.46
N TYR A 58 -4.66 -21.18 6.18
CA TYR A 58 -5.79 -20.49 6.85
C TYR A 58 -6.76 -19.98 5.81
N PRO A 59 -7.45 -20.86 5.10
CA PRO A 59 -8.31 -20.45 4.01
C PRO A 59 -9.39 -19.46 4.40
N ASN A 60 -9.91 -19.53 5.62
CA ASN A 60 -10.96 -18.56 5.93
C ASN A 60 -10.36 -17.19 6.15
N LYS A 61 -9.05 -17.02 6.25
CA LYS A 61 -8.43 -15.71 6.34
C LYS A 61 -8.12 -15.17 4.95
N SER A 62 -8.12 -16.03 3.94
CA SER A 62 -7.78 -15.58 2.60
C SER A 62 -8.87 -14.68 2.03
N GLY A 63 -10.11 -14.97 2.37
CA GLY A 63 -11.30 -14.26 1.94
C GLY A 63 -12.50 -15.09 2.31
N PRO A 64 -13.68 -14.48 2.30
CA PRO A 64 -14.88 -15.24 2.63
C PRO A 64 -15.15 -16.35 1.63
N ASP A 65 -14.69 -16.21 0.40
CA ASP A 65 -14.83 -17.24 -0.63
C ASP A 65 -13.67 -18.20 -0.63
N HIS A 66 -12.71 -18.06 0.27
CA HIS A 66 -11.50 -18.83 0.34
C HIS A 66 -10.63 -18.64 -0.91
N GLY A 67 -10.83 -17.57 -1.61
CA GLY A 67 -10.08 -17.26 -2.82
C GLY A 67 -8.64 -16.93 -2.52
N ASN A 68 -7.78 -17.19 -3.50
CA ASN A 68 -6.37 -16.92 -3.33
C ASN A 68 -5.77 -16.46 -4.66
N GLY A 69 -4.45 -16.25 -4.65
CA GLY A 69 -3.75 -15.81 -5.84
C GLY A 69 -3.20 -16.92 -6.72
N ASP A 70 -3.76 -18.14 -6.62
CA ASP A 70 -3.22 -19.21 -7.46
C ASP A 70 -3.25 -18.92 -8.95
N THR A 71 -4.39 -18.43 -9.43
CA THR A 71 -4.47 -18.14 -10.87
C THR A 71 -4.88 -16.68 -11.08
N THR A 72 -5.79 -16.18 -10.25
CA THR A 72 -6.21 -14.78 -10.31
C THR A 72 -6.45 -14.33 -11.71
N CYS A 73 -6.00 -13.13 -12.10
CA CYS A 73 -6.21 -12.65 -13.46
C CYS A 73 -5.11 -13.08 -14.41
N ASP A 74 -4.22 -13.96 -13.96
CA ASP A 74 -3.22 -14.55 -14.86
C ASP A 74 -2.48 -13.52 -15.67
N SER A 75 -1.91 -12.54 -14.95
CA SER A 75 -1.04 -11.55 -15.60
C SER A 75 0.27 -12.22 -15.94
N PHE A 76 0.59 -13.42 -15.42
CA PHE A 76 1.75 -14.11 -15.96
C PHE A 76 1.54 -14.33 -17.46
N SER A 77 0.36 -14.86 -17.83
CA SER A 77 0.08 -15.08 -19.24
C SER A 77 -0.35 -13.82 -19.97
N TYR A 78 -1.07 -12.96 -19.33
CA TYR A 78 -1.75 -11.85 -19.97
C TYR A 78 -1.15 -10.50 -19.63
N TRP A 79 0.15 -10.45 -19.38
CA TRP A 79 0.78 -9.13 -19.12
C TRP A 79 0.57 -8.15 -20.25
N GLN A 80 0.52 -8.65 -21.49
CA GLN A 80 0.33 -7.74 -22.63
C GLN A 80 -1.03 -7.09 -22.55
N LYS A 81 -2.04 -7.80 -22.05
CA LYS A 81 -3.38 -7.22 -21.93
C LYS A 81 -3.34 -6.13 -20.86
N ASP A 82 -2.49 -6.27 -19.84
CA ASP A 82 -2.37 -5.17 -18.86
C ASP A 82 -1.80 -3.93 -19.55
N ILE A 83 -0.72 -4.11 -20.34
CA ILE A 83 -0.13 -3.02 -21.08
C ILE A 83 -1.21 -2.38 -21.96
N ASP A 84 -2.04 -3.19 -22.60
CA ASP A 84 -3.09 -2.68 -23.48
C ASP A 84 -4.09 -1.82 -22.75
N VAL A 85 -4.43 -2.16 -21.49
CA VAL A 85 -5.29 -1.30 -20.69
C VAL A 85 -4.61 0.06 -20.48
N LEU A 86 -3.35 0.05 -20.09
CA LEU A 86 -2.57 1.27 -19.84
C LEU A 86 -2.50 2.12 -21.09
N ASP A 87 -2.29 1.43 -22.22
CA ASP A 87 -2.22 2.17 -23.51
C ASP A 87 -3.56 2.79 -23.83
N GLU A 88 -4.66 2.08 -23.58
CA GLU A 88 -6.00 2.60 -23.78
C GLU A 88 -6.26 3.82 -22.90
N LEU A 89 -5.75 3.77 -21.68
CA LEU A 89 -5.89 4.92 -20.79
C LEU A 89 -5.01 6.08 -21.17
N ASN A 90 -3.98 5.88 -22.00
CA ASN A 90 -2.95 6.88 -22.23
C ASN A 90 -2.26 7.18 -20.90
N ALA A 91 -2.13 6.17 -20.06
CA ALA A 91 -1.46 6.30 -18.79
C ALA A 91 0.02 6.61 -19.04
N THR A 92 0.60 7.38 -18.14
CA THR A 92 2.02 7.66 -18.19
C THR A 92 2.76 6.97 -17.07
N GLY A 93 2.07 6.26 -16.17
CA GLY A 93 2.75 5.51 -15.13
C GLY A 93 2.00 4.20 -14.87
N TYR A 94 2.79 3.23 -14.38
CA TYR A 94 2.21 1.97 -13.93
C TYR A 94 3.05 1.47 -12.76
N ARG A 95 2.39 1.26 -11.63
CA ARG A 95 3.07 0.66 -10.48
C ARG A 95 2.73 -0.83 -10.45
N PHE A 96 3.79 -1.61 -10.43
CA PHE A 96 3.59 -3.06 -10.32
C PHE A 96 4.65 -3.54 -9.33
N SER A 97 4.53 -4.79 -8.90
CA SER A 97 5.56 -5.31 -8.02
C SER A 97 6.27 -6.52 -8.67
N ILE A 98 7.49 -6.75 -8.23
CA ILE A 98 8.23 -7.94 -8.59
C ILE A 98 8.00 -8.97 -7.49
N ALA A 99 7.66 -10.18 -7.90
CA ALA A 99 7.51 -11.28 -6.97
C ALA A 99 8.89 -11.82 -6.69
N TRP A 100 9.40 -11.67 -5.47
CA TRP A 100 10.67 -12.21 -5.06
C TRP A 100 10.71 -13.70 -5.43
N SER A 101 9.63 -14.43 -5.14
CA SER A 101 9.61 -15.87 -5.43
C SER A 101 9.63 -16.20 -6.89
N ARG A 102 9.39 -15.21 -7.79
CA ARG A 102 9.50 -15.49 -9.22
C ARG A 102 10.96 -15.37 -9.66
N ILE A 103 11.76 -14.47 -9.07
CA ILE A 103 13.13 -14.33 -9.58
C ILE A 103 14.15 -15.03 -8.73
N ILE A 104 13.86 -15.25 -7.44
CA ILE A 104 14.71 -16.05 -6.56
C ILE A 104 13.80 -16.96 -5.77
N PRO A 105 13.30 -18.04 -6.39
CA PRO A 105 12.38 -18.96 -5.72
C PRO A 105 12.91 -19.51 -4.41
N ARG A 106 14.22 -19.68 -4.27
CA ARG A 106 14.81 -20.21 -3.05
C ARG A 106 15.15 -19.13 -2.03
N GLY A 107 14.68 -17.92 -2.28
CA GLY A 107 14.84 -16.82 -1.34
C GLY A 107 16.19 -16.15 -1.31
N LYS A 108 17.23 -16.89 -0.97
CA LYS A 108 18.59 -16.42 -0.86
C LYS A 108 19.21 -16.48 -2.25
N ARG A 109 19.74 -15.35 -2.72
CA ARG A 109 20.25 -15.23 -4.06
C ARG A 109 21.36 -16.21 -4.40
N SER A 110 22.18 -16.57 -3.45
CA SER A 110 23.27 -17.53 -3.72
C SER A 110 22.75 -18.92 -4.09
N ARG A 111 21.48 -19.22 -3.83
CA ARG A 111 20.87 -20.48 -4.21
C ARG A 111 20.47 -20.53 -5.68
N GLY A 112 20.61 -19.41 -6.40
CA GLY A 112 20.31 -19.35 -7.81
C GLY A 112 19.13 -18.45 -8.13
N VAL A 113 19.08 -18.02 -9.37
CA VAL A 113 18.01 -17.19 -9.85
C VAL A 113 17.21 -17.94 -10.88
N ASN A 114 15.98 -17.51 -11.08
CA ASN A 114 15.11 -18.05 -12.11
C ASN A 114 15.20 -17.15 -13.33
N GLU A 115 16.00 -17.56 -14.31
CA GLU A 115 16.17 -16.72 -15.50
C GLU A 115 14.85 -16.46 -16.20
N LYS A 116 13.94 -17.44 -16.28
CA LYS A 116 12.66 -17.23 -16.92
C LYS A 116 11.83 -16.17 -16.20
N GLY A 117 11.94 -16.13 -14.88
CA GLY A 117 11.28 -15.11 -14.07
C GLY A 117 11.81 -13.73 -14.38
N ILE A 118 13.13 -13.65 -14.51
CA ILE A 118 13.77 -12.37 -14.86
C ILE A 118 13.29 -11.91 -16.23
N ASP A 119 13.20 -12.87 -17.16
CA ASP A 119 12.70 -12.57 -18.51
C ASP A 119 11.29 -12.06 -18.52
N TYR A 120 10.41 -12.60 -17.67
CA TYR A 120 9.04 -12.13 -17.58
C TYR A 120 9.02 -10.64 -17.28
N TYR A 121 9.78 -10.18 -16.27
CA TYR A 121 9.79 -8.77 -15.93
C TYR A 121 10.50 -7.94 -17.00
N HIS A 122 11.53 -8.47 -17.64
CA HIS A 122 12.14 -7.70 -18.72
C HIS A 122 11.13 -7.43 -19.84
N GLY A 123 10.30 -8.43 -20.19
CA GLY A 123 9.33 -8.22 -21.25
C GLY A 123 8.26 -7.21 -20.88
N LEU A 124 7.81 -7.27 -19.62
CA LEU A 124 6.80 -6.32 -19.15
C LEU A 124 7.38 -4.90 -19.20
N ILE A 125 8.57 -4.75 -18.65
CA ILE A 125 9.21 -3.43 -18.58
C ILE A 125 9.41 -2.89 -19.99
N SER A 126 9.98 -3.73 -20.86
CA SER A 126 10.18 -3.29 -22.23
C SER A 126 8.89 -2.83 -22.89
N GLY A 127 7.80 -3.58 -22.70
CA GLY A 127 6.53 -3.27 -23.27
C GLY A 127 5.94 -1.98 -22.71
N LEU A 128 6.13 -1.75 -21.41
CA LEU A 128 5.64 -0.50 -20.85
C LEU A 128 6.39 0.68 -21.46
N ILE A 129 7.71 0.57 -21.50
CA ILE A 129 8.51 1.70 -22.00
C ILE A 129 8.17 1.98 -23.44
N LYS A 130 7.97 0.93 -24.21
CA LYS A 130 7.60 1.08 -25.64
C LYS A 130 6.30 1.82 -25.85
N LYS A 131 5.41 1.88 -24.87
CA LYS A 131 4.18 2.60 -24.93
C LYS A 131 4.21 3.92 -24.14
N GLY A 132 5.41 4.33 -23.73
CA GLY A 132 5.57 5.58 -23.01
C GLY A 132 5.05 5.60 -21.58
N ILE A 133 5.06 4.42 -20.96
CA ILE A 133 4.58 4.30 -19.59
C ILE A 133 5.79 4.18 -18.68
N THR A 134 5.84 5.03 -17.66
CA THR A 134 6.92 4.96 -16.68
C THR A 134 6.64 3.92 -15.62
N PRO A 135 7.51 2.92 -15.48
CA PRO A 135 7.28 1.95 -14.42
C PRO A 135 7.65 2.50 -13.04
N PHE A 136 6.88 2.15 -12.05
CA PHE A 136 7.12 2.40 -10.64
C PHE A 136 7.13 0.97 -10.02
N VAL A 137 8.29 0.48 -9.66
CA VAL A 137 8.33 -0.94 -9.28
C VAL A 137 8.55 -1.17 -7.81
N THR A 138 7.62 -1.91 -7.24
CA THR A 138 7.72 -2.25 -5.81
C THR A 138 8.54 -3.54 -5.71
N LEU A 139 9.60 -3.50 -4.92
CA LEU A 139 10.40 -4.72 -4.71
C LEU A 139 9.69 -5.73 -3.82
N PHE A 140 8.95 -5.24 -2.83
CA PHE A 140 8.35 -6.17 -1.88
C PHE A 140 6.94 -5.74 -1.53
N HIS A 141 5.98 -6.40 -2.17
CA HIS A 141 4.56 -6.19 -1.88
C HIS A 141 4.05 -7.44 -1.12
N TRP A 142 4.71 -7.72 0.00
CA TRP A 142 4.32 -8.69 1.02
C TRP A 142 4.58 -10.15 0.73
N ASP A 143 4.90 -10.49 -0.47
CA ASP A 143 5.01 -11.89 -0.93
C ASP A 143 6.39 -12.46 -0.69
N LEU A 144 6.75 -12.62 0.59
CA LEU A 144 8.06 -13.14 0.96
C LEU A 144 8.16 -14.61 0.61
N PRO A 145 9.25 -15.06 0.04
CA PRO A 145 9.45 -16.51 -0.20
C PRO A 145 9.22 -17.28 1.10
N GLN A 146 8.43 -18.37 0.96
CA GLN A 146 8.04 -19.14 2.15
C GLN A 146 9.27 -19.71 2.84
N THR A 147 10.28 -20.12 2.06
CA THR A 147 11.52 -20.62 2.65
C THR A 147 12.10 -19.68 3.70
N LEU A 148 12.07 -18.35 3.46
CA LEU A 148 12.63 -17.41 4.43
C LEU A 148 11.81 -17.32 5.69
N GLN A 149 10.50 -17.41 5.58
CA GLN A 149 9.67 -17.43 6.75
C GLN A 149 9.90 -18.72 7.53
N ASP A 150 10.12 -19.82 6.81
CA ASP A 150 10.33 -21.09 7.54
C ASP A 150 11.75 -21.21 8.08
N GLU A 151 12.75 -20.61 7.42
CA GLU A 151 14.10 -20.66 7.95
C GLU A 151 14.26 -19.85 9.24
N TYR A 152 13.76 -18.60 9.20
CA TYR A 152 14.01 -17.71 10.31
C TYR A 152 12.86 -16.77 10.62
N GLU A 153 11.68 -17.07 10.13
CA GLU A 153 10.50 -16.26 10.39
C GLU A 153 10.62 -14.89 9.74
N GLY A 154 11.26 -14.86 8.55
CA GLY A 154 11.20 -13.66 7.73
C GLY A 154 11.63 -12.39 8.42
N PHE A 155 10.76 -11.37 8.34
CA PHE A 155 11.10 -10.08 8.91
C PHE A 155 11.17 -10.07 10.42
N LEU A 156 10.85 -11.17 11.10
CA LEU A 156 11.05 -11.24 12.54
C LEU A 156 12.53 -11.31 12.87
N ASP A 157 13.39 -11.75 11.94
CA ASP A 157 14.79 -11.94 12.22
C ASP A 157 15.68 -11.01 11.42
N PRO A 158 16.81 -10.59 11.98
CA PRO A 158 17.72 -9.69 11.26
C PRO A 158 18.36 -10.30 10.05
N GLN A 159 18.25 -11.64 9.86
CA GLN A 159 18.75 -12.27 8.66
C GLN A 159 18.03 -11.75 7.42
N ILE A 160 16.81 -11.22 7.56
CA ILE A 160 16.07 -10.74 6.40
C ILE A 160 16.84 -9.62 5.71
N ILE A 161 17.62 -8.83 6.48
CA ILE A 161 18.24 -7.66 5.91
C ILE A 161 19.15 -7.96 4.74
N ASP A 162 20.04 -8.94 4.94
CA ASP A 162 20.96 -9.28 3.85
C ASP A 162 20.25 -10.03 2.72
N ASP A 163 19.25 -10.88 3.05
CA ASP A 163 18.57 -11.57 1.96
C ASP A 163 17.79 -10.56 1.12
N PHE A 164 17.12 -9.59 1.75
CA PHE A 164 16.39 -8.58 0.99
C PHE A 164 17.38 -7.72 0.21
N LYS A 165 18.53 -7.36 0.79
CA LYS A 165 19.55 -6.59 0.07
C LYS A 165 20.02 -7.31 -1.18
N ASP A 166 20.28 -8.61 -1.08
CA ASP A 166 20.77 -9.34 -2.25
C ASP A 166 19.72 -9.46 -3.32
N TYR A 167 18.45 -9.59 -2.94
CA TYR A 167 17.33 -9.59 -3.87
C TYR A 167 17.20 -8.25 -4.59
N ALA A 168 17.23 -7.17 -3.82
CA ALA A 168 17.12 -5.84 -4.39
C ALA A 168 18.27 -5.60 -5.35
N ASP A 169 19.47 -6.04 -4.96
CA ASP A 169 20.64 -5.85 -5.82
C ASP A 169 20.41 -6.51 -7.18
N LEU A 170 19.88 -7.75 -7.15
CA LEU A 170 19.55 -8.43 -8.40
C LEU A 170 18.58 -7.61 -9.23
N CYS A 171 17.51 -7.07 -8.61
CA CYS A 171 16.55 -6.25 -9.34
C CYS A 171 17.21 -5.03 -9.97
N PHE A 172 18.03 -4.34 -9.19
CA PHE A 172 18.71 -3.15 -9.74
C PHE A 172 19.61 -3.53 -10.90
N GLU A 173 20.34 -4.61 -10.72
CA GLU A 173 21.27 -5.06 -11.77
C GLU A 173 20.48 -5.39 -13.02
N GLU A 174 19.40 -6.19 -12.89
CA GLU A 174 18.70 -6.64 -14.08
C GLU A 174 17.78 -5.62 -14.71
N PHE A 175 17.12 -4.78 -13.91
CA PHE A 175 16.08 -3.93 -14.42
C PHE A 175 16.32 -2.44 -14.32
N GLY A 176 17.35 -2.04 -13.55
CA GLY A 176 17.56 -0.63 -13.24
C GLY A 176 18.00 0.23 -14.41
N ASP A 177 18.46 -0.39 -15.50
CA ASP A 177 18.73 0.42 -16.69
C ASP A 177 17.45 0.98 -17.27
N SER A 178 16.30 0.35 -17.03
CA SER A 178 15.03 0.80 -17.56
C SER A 178 14.10 1.33 -16.50
N VAL A 179 14.21 0.83 -15.28
CA VAL A 179 13.32 1.27 -14.19
C VAL A 179 13.99 2.39 -13.42
N LYS A 180 13.34 3.53 -13.29
CA LYS A 180 13.91 4.69 -12.64
C LYS A 180 13.18 5.13 -11.41
N TYR A 181 12.13 4.38 -11.03
CA TYR A 181 11.38 4.65 -9.82
C TYR A 181 11.15 3.30 -9.09
N TRP A 182 11.77 3.19 -7.95
CA TRP A 182 11.70 1.98 -7.15
C TRP A 182 11.03 2.26 -5.81
N LEU A 183 10.19 1.32 -5.40
CA LEU A 183 9.57 1.31 -4.09
C LEU A 183 10.16 0.11 -3.34
N THR A 184 10.52 0.29 -2.08
CA THR A 184 11.09 -0.84 -1.34
C THR A 184 10.05 -1.77 -0.78
N ILE A 185 9.38 -1.39 0.26
CA ILE A 185 8.38 -2.18 0.96
C ILE A 185 7.03 -1.51 0.86
N ASN A 186 6.03 -2.27 0.43
CA ASN A 186 4.68 -1.74 0.41
C ASN A 186 4.08 -1.51 1.78
N GLN A 187 3.60 -0.32 2.08
CA GLN A 187 2.94 0.04 3.34
C GLN A 187 3.61 -0.52 4.57
N LEU A 188 4.64 0.17 5.03
CA LEU A 188 5.43 -0.29 6.18
C LEU A 188 4.58 -0.68 7.37
N TYR A 189 3.48 0.03 7.63
CA TYR A 189 2.68 -0.29 8.80
C TYR A 189 1.98 -1.63 8.79
N SER A 190 1.64 -2.13 7.58
CA SER A 190 0.78 -3.28 7.46
C SER A 190 1.27 -4.63 7.89
N VAL A 191 2.44 -5.04 7.45
CA VAL A 191 2.91 -6.38 7.88
C VAL A 191 3.11 -6.43 9.37
N PRO A 192 3.74 -5.46 10.02
CA PRO A 192 3.90 -5.57 11.46
C PRO A 192 2.57 -5.74 12.18
N THR A 193 1.56 -4.95 11.80
CA THR A 193 0.31 -4.96 12.54
C THR A 193 -0.61 -6.10 12.13
N ARG A 194 -0.83 -6.26 10.82
CA ARG A 194 -1.74 -7.31 10.38
C ARG A 194 -1.09 -8.67 10.28
N GLY A 195 0.20 -8.69 9.97
CA GLY A 195 0.88 -9.99 9.82
C GLY A 195 1.35 -10.57 11.15
N TYR A 196 1.70 -9.71 12.09
CA TYR A 196 2.28 -10.11 13.35
C TYR A 196 1.53 -9.60 14.58
N GLY A 197 0.45 -8.88 14.35
CA GLY A 197 -0.33 -8.32 15.47
C GLY A 197 -1.70 -8.98 15.52
N SER A 198 -2.51 -8.70 14.51
CA SER A 198 -3.88 -9.27 14.49
C SER A 198 -3.96 -10.60 13.71
N ALA A 199 -2.93 -10.88 12.95
CA ALA A 199 -2.82 -12.10 12.15
C ALA A 199 -3.89 -12.18 11.08
N LEU A 200 -4.35 -11.03 10.61
CA LEU A 200 -5.26 -10.94 9.48
C LEU A 200 -4.51 -11.18 8.18
N ASP A 201 -3.22 -10.90 8.15
CA ASP A 201 -2.41 -11.02 6.97
C ASP A 201 -1.27 -12.02 7.20
N ALA A 202 -0.69 -12.50 6.09
CA ALA A 202 0.51 -13.34 6.18
C ALA A 202 1.61 -12.58 6.94
N PRO A 203 2.41 -13.28 7.73
CA PRO A 203 2.40 -14.73 7.89
C PRO A 203 1.40 -15.29 8.88
N GLY A 204 0.67 -14.42 9.57
CA GLY A 204 -0.37 -14.94 10.45
C GLY A 204 0.10 -15.31 11.85
N ARG A 205 0.96 -14.51 12.43
CA ARG A 205 1.47 -14.69 13.77
C ARG A 205 0.74 -13.74 14.74
N CYS A 206 0.56 -14.23 15.96
CA CYS A 206 -0.10 -13.40 16.98
C CYS A 206 0.00 -14.09 18.31
N SER A 207 -0.47 -13.39 19.34
CA SER A 207 -0.50 -14.03 20.65
C SER A 207 -1.65 -15.04 20.68
N PRO A 208 -1.47 -16.14 21.43
CA PRO A 208 -2.46 -17.17 21.51
C PRO A 208 -3.87 -16.74 21.79
N THR A 209 -4.12 -15.75 22.68
CA THR A 209 -5.47 -15.36 22.98
C THR A 209 -6.00 -14.29 22.06
N VAL A 210 -5.14 -13.75 21.17
CA VAL A 210 -5.65 -12.84 20.14
C VAL A 210 -6.39 -13.65 19.09
N ASP A 211 -5.74 -14.75 18.67
CA ASP A 211 -6.35 -15.66 17.72
C ASP A 211 -5.69 -17.03 17.92
N PRO A 212 -6.43 -17.99 18.45
CA PRO A 212 -5.87 -19.30 18.71
C PRO A 212 -5.39 -20.02 17.48
N SER A 213 -5.78 -19.59 16.28
CA SER A 213 -5.31 -20.25 15.06
C SER A 213 -3.88 -19.87 14.71
N CYS A 214 -3.32 -18.78 15.22
CA CYS A 214 -1.98 -18.40 14.86
C CYS A 214 -1.03 -19.54 15.27
N TYR A 215 -0.02 -19.79 14.43
CA TYR A 215 0.90 -20.91 14.73
C TYR A 215 1.90 -20.55 15.79
N ALA A 216 2.15 -19.25 15.98
CA ALA A 216 3.09 -18.74 16.93
C ALA A 216 2.92 -17.23 16.96
N GLY A 217 3.61 -16.58 17.86
CA GLY A 217 3.67 -15.13 17.86
C GLY A 217 3.51 -14.51 19.23
N ASN A 218 3.53 -13.18 19.12
CA ASN A 218 3.35 -12.30 20.29
C ASN A 218 2.98 -10.94 19.71
N SER A 219 1.70 -10.59 19.85
CA SER A 219 1.17 -9.39 19.22
C SER A 219 1.69 -8.11 19.85
N SER A 220 2.17 -8.25 21.08
CA SER A 220 2.67 -7.06 21.79
C SER A 220 4.07 -6.66 21.42
N THR A 221 4.91 -7.65 21.07
CA THR A 221 6.30 -7.38 20.79
C THR A 221 6.70 -7.52 19.32
N GLU A 222 6.13 -8.50 18.63
CA GLU A 222 6.54 -8.79 17.26
C GLU A 222 6.30 -7.68 16.30
N PRO A 223 5.21 -6.95 16.35
CA PRO A 223 5.05 -5.84 15.40
C PRO A 223 6.20 -4.86 15.45
N TYR A 224 6.76 -4.57 16.64
CA TYR A 224 7.86 -3.64 16.80
C TYR A 224 9.13 -4.21 16.22
N ILE A 225 9.38 -5.49 16.44
CA ILE A 225 10.59 -6.14 15.92
C ILE A 225 10.53 -6.09 14.39
N VAL A 226 9.38 -6.52 13.85
CA VAL A 226 9.25 -6.58 12.38
C VAL A 226 9.35 -5.19 11.78
N ALA A 227 8.68 -4.21 12.38
CA ALA A 227 8.76 -2.84 11.85
C ALA A 227 10.22 -2.37 11.84
N HIS A 228 10.96 -2.66 12.88
CA HIS A 228 12.36 -2.26 12.99
C HIS A 228 13.18 -2.89 11.89
N HIS A 229 12.99 -4.21 11.67
CA HIS A 229 13.76 -4.89 10.62
C HIS A 229 13.32 -4.41 9.24
N GLN A 230 12.04 -4.04 9.05
CA GLN A 230 11.63 -3.46 7.78
C GLN A 230 12.39 -2.16 7.54
N LEU A 231 12.47 -1.32 8.56
CA LEU A 231 13.20 -0.06 8.38
C LEU A 231 14.66 -0.28 8.04
N LEU A 232 15.32 -1.21 8.72
CA LEU A 232 16.72 -1.49 8.47
C LEU A 232 16.90 -2.10 7.07
N ALA A 233 16.06 -3.04 6.72
CA ALA A 233 16.14 -3.69 5.41
C ALA A 233 15.91 -2.67 4.29
N HIS A 234 14.88 -1.85 4.43
CA HIS A 234 14.62 -0.73 3.53
C HIS A 234 15.85 0.16 3.39
N ALA A 235 16.42 0.55 4.53
CA ALA A 235 17.51 1.52 4.50
C ALA A 235 18.78 0.92 3.91
N LYS A 236 19.03 -0.37 4.14
CA LYS A 236 20.19 -1.01 3.55
C LYS A 236 20.03 -1.03 2.03
N VAL A 237 18.80 -1.29 1.57
CA VAL A 237 18.54 -1.32 0.12
C VAL A 237 18.67 0.06 -0.48
N VAL A 238 18.23 1.10 0.20
CA VAL A 238 18.35 2.47 -0.34
C VAL A 238 19.82 2.82 -0.40
N ASP A 239 20.60 2.46 0.62
CA ASP A 239 22.03 2.76 0.62
C ASP A 239 22.70 2.01 -0.55
N LEU A 240 22.35 0.76 -0.77
CA LEU A 240 22.87 -0.03 -1.86
C LEU A 240 22.54 0.68 -3.18
N TYR A 241 21.33 1.12 -3.34
CA TYR A 241 20.89 1.77 -4.59
C TYR A 241 21.67 3.05 -4.83
N ARG A 242 21.81 3.88 -3.80
CA ARG A 242 22.42 5.18 -3.96
C ARG A 242 23.92 5.11 -4.03
N LYS A 243 24.53 4.04 -3.51
CA LYS A 243 25.98 3.92 -3.60
C LYS A 243 26.44 3.12 -4.81
N ASN A 244 25.66 2.12 -5.19
CA ASN A 244 26.10 1.24 -6.28
C ASN A 244 25.35 1.39 -7.59
N TYR A 245 24.20 2.06 -7.59
CA TYR A 245 23.41 2.18 -8.80
C TYR A 245 23.10 3.63 -9.14
N THR A 246 23.95 4.57 -8.69
CA THR A 246 23.72 5.99 -8.98
C THR A 246 23.80 6.26 -10.47
N HIS A 247 24.57 5.41 -11.19
CA HIS A 247 24.69 5.62 -12.63
C HIS A 247 23.38 5.44 -13.36
N GLN A 248 22.39 4.74 -12.77
CA GLN A 248 21.12 4.51 -13.37
C GLN A 248 20.24 5.74 -13.39
N GLY A 249 20.55 6.74 -12.55
CA GLY A 249 19.78 7.97 -12.58
C GLY A 249 18.32 7.82 -12.18
N GLY A 250 18.06 6.92 -11.24
CA GLY A 250 16.69 6.74 -10.75
C GLY A 250 16.57 7.17 -9.29
N LYS A 251 15.39 6.91 -8.73
CA LYS A 251 15.01 7.30 -7.40
C LYS A 251 14.33 6.10 -6.71
N ILE A 252 14.50 6.11 -5.39
CA ILE A 252 13.91 5.02 -4.58
C ILE A 252 13.30 5.58 -3.34
N GLY A 253 12.23 4.90 -2.87
CA GLY A 253 11.60 5.29 -1.61
C GLY A 253 10.79 4.13 -1.06
N PRO A 254 10.32 4.34 0.16
CA PRO A 254 9.39 3.40 0.75
C PRO A 254 7.97 3.74 0.32
N THR A 255 7.06 2.83 0.60
CA THR A 255 5.64 3.10 0.49
C THR A 255 5.09 3.18 1.91
N MET A 256 4.36 4.28 2.20
CA MET A 256 3.63 4.36 3.43
C MET A 256 2.13 4.22 3.13
N ILE A 257 1.42 3.54 4.02
CA ILE A 257 -0.03 3.70 4.04
C ILE A 257 -0.27 4.96 4.88
N THR A 258 -1.01 5.89 4.29
CA THR A 258 -1.38 7.09 5.05
C THR A 258 -2.88 7.06 5.29
N ARG A 259 -3.26 7.70 6.38
CA ARG A 259 -4.63 8.01 6.74
C ARG A 259 -4.54 9.42 7.34
N TRP A 260 -5.65 10.14 7.29
CA TRP A 260 -5.73 11.32 8.16
C TRP A 260 -6.51 10.86 9.41
N PHE A 261 -6.35 11.65 10.48
CA PHE A 261 -7.05 11.37 11.73
C PHE A 261 -7.66 12.70 12.18
N LEU A 262 -8.89 12.62 12.63
CA LEU A 262 -9.60 13.80 13.17
C LEU A 262 -10.13 13.39 14.54
N PRO A 263 -10.34 14.34 15.43
CA PRO A 263 -10.85 13.97 16.73
C PRO A 263 -12.30 13.56 16.66
N TYR A 264 -12.62 12.44 17.31
CA TYR A 264 -13.99 11.96 17.48
C TYR A 264 -14.81 13.08 18.11
N ASN A 265 -14.20 13.85 19.00
CA ASN A 265 -14.88 15.00 19.58
C ASN A 265 -13.86 16.13 19.56
N ASP A 266 -14.13 17.12 18.67
CA ASP A 266 -13.10 18.15 18.48
C ASP A 266 -13.06 19.25 19.49
N THR A 267 -13.87 19.12 20.56
CA THR A 267 -13.70 20.04 21.67
C THR A 267 -13.30 19.29 22.91
N ASP A 268 -12.94 18.02 22.79
CA ASP A 268 -12.56 17.19 23.90
C ASP A 268 -11.05 17.00 23.85
N ARG A 269 -10.32 17.50 24.87
CA ARG A 269 -8.87 17.41 24.84
C ARG A 269 -8.40 15.97 24.78
N HIS A 270 -9.14 15.02 25.37
CA HIS A 270 -8.68 13.63 25.35
C HIS A 270 -8.76 13.05 23.94
N SER A 271 -9.82 13.37 23.22
CA SER A 271 -9.94 12.94 21.83
C SER A 271 -8.89 13.62 20.95
N ILE A 272 -8.67 14.93 21.17
CA ILE A 272 -7.66 15.64 20.43
C ILE A 272 -6.27 15.01 20.67
N ALA A 273 -5.93 14.62 21.88
CA ALA A 273 -4.66 13.97 22.21
C ALA A 273 -4.60 12.63 21.51
N ALA A 274 -5.70 11.88 21.54
CA ALA A 274 -5.70 10.56 20.87
C ALA A 274 -5.44 10.70 19.38
N THR A 275 -5.96 11.77 18.79
CA THR A 275 -5.78 11.99 17.35
C THR A 275 -4.32 12.29 17.04
N GLU A 276 -3.66 13.10 17.90
CA GLU A 276 -2.25 13.38 17.66
C GLU A 276 -1.41 12.14 17.95
N ARG A 277 -1.79 11.33 18.93
CA ARG A 277 -1.05 10.08 19.17
C ARG A 277 -1.17 9.17 17.94
N MET A 278 -2.34 9.15 17.34
CA MET A 278 -2.54 8.33 16.14
C MET A 278 -1.62 8.75 15.01
N LYS A 279 -1.44 10.07 14.83
CA LYS A 279 -0.52 10.48 13.78
C LYS A 279 0.89 9.95 14.05
N GLU A 280 1.33 10.03 15.30
CA GLU A 280 2.66 9.54 15.63
C GLU A 280 2.79 8.01 15.55
N PHE A 281 1.77 7.30 16.01
CA PHE A 281 1.85 5.84 16.01
C PHE A 281 1.60 5.20 14.66
N PHE A 282 0.86 5.90 13.81
CA PHE A 282 0.52 5.35 12.50
C PHE A 282 1.51 5.82 11.47
N LEU A 283 1.75 7.15 11.41
CA LEU A 283 2.69 7.69 10.47
C LEU A 283 4.10 7.85 11.01
N GLY A 284 4.25 8.38 12.23
CA GLY A 284 5.53 8.66 12.81
C GLY A 284 6.34 7.43 13.13
N TRP A 285 5.69 6.28 13.39
CA TRP A 285 6.40 5.04 13.64
C TRP A 285 7.49 4.82 12.57
N PHE A 286 7.17 5.16 11.31
CA PHE A 286 8.09 4.99 10.21
C PHE A 286 8.69 6.32 9.79
N MET A 287 7.89 7.39 9.80
CA MET A 287 8.40 8.67 9.31
C MET A 287 9.40 9.31 10.27
N GLY A 288 9.29 9.04 11.56
CA GLY A 288 10.27 9.54 12.54
C GLY A 288 11.61 8.95 12.14
N PRO A 289 11.72 7.61 12.04
CA PRO A 289 13.00 7.02 11.67
C PRO A 289 13.49 7.50 10.31
N LEU A 290 12.59 7.57 9.31
CA LEU A 290 12.98 8.02 7.99
C LEU A 290 13.44 9.46 7.90
N THR A 291 12.98 10.33 8.80
CA THR A 291 13.39 11.73 8.71
C THR A 291 14.35 12.13 9.81
N ASN A 292 14.44 11.35 10.88
CA ASN A 292 15.27 11.71 11.99
C ASN A 292 16.12 10.61 12.57
N GLY A 293 15.92 9.37 12.18
CA GLY A 293 16.69 8.26 12.69
C GLY A 293 16.21 7.80 14.05
N THR A 294 15.04 8.26 14.51
CA THR A 294 14.54 7.86 15.81
C THR A 294 13.03 7.66 15.78
N TYR A 295 12.51 6.84 16.66
CA TYR A 295 11.07 6.73 16.77
C TYR A 295 10.50 7.95 17.49
N PRO A 296 9.23 8.24 17.29
CA PRO A 296 8.59 9.34 18.01
C PRO A 296 8.70 9.18 19.50
N GLN A 297 8.85 10.30 20.20
CA GLN A 297 8.97 10.24 21.64
C GLN A 297 7.78 9.56 22.30
N ILE A 298 6.57 9.83 21.82
CA ILE A 298 5.42 9.16 22.47
C ILE A 298 5.54 7.66 22.36
N MET A 299 6.06 7.16 21.23
CA MET A 299 6.26 5.71 21.14
C MET A 299 7.36 5.25 22.07
N ILE A 300 8.47 5.95 22.15
CA ILE A 300 9.54 5.63 23.07
C ILE A 300 9.00 5.51 24.48
N ASP A 301 8.15 6.46 24.89
CA ASP A 301 7.64 6.53 26.23
C ASP A 301 6.65 5.40 26.51
N THR A 302 5.78 5.16 25.54
CA THR A 302 4.69 4.21 25.78
C THR A 302 5.15 2.76 25.67
N VAL A 303 5.87 2.52 24.60
CA VAL A 303 6.26 1.14 24.22
C VAL A 303 7.43 0.66 25.03
N GLY A 304 8.23 1.58 25.53
CA GLY A 304 9.28 1.23 26.51
C GLY A 304 10.24 0.16 25.97
N GLU A 305 10.43 -0.88 26.78
CA GLU A 305 11.39 -1.94 26.46
C GLU A 305 10.96 -2.75 25.26
N ARG A 306 9.70 -2.67 24.84
CA ARG A 306 9.28 -3.40 23.62
C ARG A 306 9.69 -2.67 22.35
N LEU A 307 10.18 -1.43 22.43
CA LEU A 307 10.58 -0.73 21.20
C LEU A 307 12.08 -0.86 20.99
N PRO A 308 12.53 -1.46 19.90
CA PRO A 308 13.95 -1.59 19.68
C PRO A 308 14.65 -0.23 19.51
N SER A 309 15.94 -0.21 19.76
CA SER A 309 16.74 0.99 19.56
C SER A 309 17.54 0.85 18.27
N PHE A 310 17.80 1.95 17.63
CA PHE A 310 18.76 1.99 16.53
C PHE A 310 20.14 2.33 17.11
N SER A 311 21.17 1.70 16.62
CA SER A 311 22.51 2.11 17.05
C SER A 311 22.80 3.39 16.26
N PRO A 312 23.84 4.10 16.59
CA PRO A 312 24.20 5.30 15.84
C PRO A 312 24.39 4.99 14.36
N GLU A 313 25.02 3.89 14.00
CA GLU A 313 25.19 3.52 12.60
C GLU A 313 23.84 3.26 11.91
N GLU A 314 22.95 2.56 12.60
CA GLU A 314 21.64 2.24 12.03
C GLU A 314 20.80 3.51 11.86
N SER A 315 20.88 4.39 12.85
CA SER A 315 20.10 5.62 12.81
C SER A 315 20.52 6.44 11.60
N ASN A 316 21.84 6.51 11.40
CA ASN A 316 22.36 7.23 10.25
C ASN A 316 21.97 6.55 8.93
N LEU A 317 21.91 5.23 8.89
CA LEU A 317 21.49 4.54 7.67
C LEU A 317 20.02 4.84 7.36
N VAL A 318 19.16 4.80 8.38
CA VAL A 318 17.74 4.98 8.18
C VAL A 318 17.31 6.42 7.91
N LYS A 319 17.95 7.34 8.61
CA LYS A 319 17.62 8.76 8.45
C LYS A 319 17.90 9.22 7.03
N GLY A 320 16.90 9.77 6.38
CA GLY A 320 17.04 10.30 5.03
C GLY A 320 17.08 9.23 3.97
N SER A 321 16.66 7.99 4.27
CA SER A 321 16.74 6.89 3.34
C SER A 321 15.59 6.85 2.33
N TYR A 322 15.45 7.96 1.60
CA TYR A 322 14.47 8.03 0.53
C TYR A 322 14.79 9.21 -0.38
N ASP A 323 14.50 9.04 -1.64
CA ASP A 323 14.52 10.12 -2.61
C ASP A 323 13.12 10.69 -2.80
N PHE A 324 12.10 9.89 -2.52
CA PHE A 324 10.72 10.31 -2.55
C PHE A 324 9.95 9.34 -1.65
N LEU A 325 8.69 9.69 -1.44
CA LEU A 325 7.83 8.80 -0.68
C LEU A 325 6.69 8.36 -1.58
N GLY A 326 6.37 7.06 -1.55
CA GLY A 326 5.16 6.60 -2.23
C GLY A 326 4.10 6.61 -1.12
N LEU A 327 3.11 7.46 -1.27
CA LEU A 327 2.04 7.55 -0.29
C LEU A 327 0.78 6.92 -0.84
N ASN A 328 0.32 5.87 -0.17
CA ASN A 328 -0.97 5.28 -0.47
C ASN A 328 -1.98 6.02 0.42
N TYR A 329 -3.16 6.29 -0.08
CA TYR A 329 -4.19 6.98 0.70
C TYR A 329 -5.55 6.42 0.32
N TYR A 330 -6.32 5.99 1.33
CA TYR A 330 -7.67 5.55 1.07
C TYR A 330 -8.71 6.24 1.96
N PHE A 331 -8.45 6.42 3.24
CA PHE A 331 -9.48 6.96 4.12
C PHE A 331 -8.88 7.56 5.39
N THR A 332 -9.80 8.18 6.14
CA THR A 332 -9.52 8.91 7.38
C THR A 332 -10.39 8.39 8.51
N GLN A 333 -9.83 8.42 9.74
CA GLN A 333 -10.61 7.97 10.88
C GLN A 333 -10.70 9.04 11.95
N TYR A 334 -11.78 8.95 12.72
CA TYR A 334 -11.94 9.71 13.94
C TYR A 334 -11.25 8.90 15.06
N ALA A 335 -10.59 9.61 15.96
CA ALA A 335 -9.89 9.00 17.08
C ALA A 335 -10.44 9.48 18.41
N GLN A 336 -10.63 8.53 19.32
CA GLN A 336 -11.03 8.82 20.70
C GLN A 336 -10.11 8.03 21.62
N PRO A 337 -10.03 8.36 22.89
CA PRO A 337 -9.15 7.63 23.78
C PRO A 337 -9.60 6.20 23.96
N SER A 338 -8.62 5.34 24.24
CA SER A 338 -8.90 3.95 24.60
C SER A 338 -7.78 3.47 25.50
N PRO A 339 -8.07 2.61 26.46
CA PRO A 339 -7.06 2.07 27.35
C PRO A 339 -6.00 1.24 26.63
N ASN A 340 -4.84 1.17 27.27
CA ASN A 340 -3.76 0.33 26.71
C ASN A 340 -3.37 -0.73 27.74
N PRO A 341 -4.03 -1.88 27.75
CA PRO A 341 -3.77 -2.88 28.80
C PRO A 341 -2.56 -3.73 28.48
N VAL A 342 -1.38 -3.22 28.70
CA VAL A 342 -0.11 -3.86 28.35
C VAL A 342 0.10 -5.22 29.03
N ASN A 343 -0.45 -5.43 30.22
CA ASN A 343 -0.38 -6.72 30.88
C ASN A 343 -1.40 -7.74 30.42
N SER A 344 -2.40 -7.41 29.65
CA SER A 344 -3.41 -8.34 29.18
C SER A 344 -2.76 -9.36 28.26
N THR A 345 -3.16 -10.64 28.34
CA THR A 345 -2.58 -11.60 27.40
C THR A 345 -3.03 -11.29 25.99
N ASN A 346 -4.12 -10.52 25.79
CA ASN A 346 -4.46 -10.23 24.39
C ASN A 346 -3.97 -8.85 23.98
N HIS A 347 -2.98 -8.32 24.67
CA HIS A 347 -2.46 -7.01 24.30
C HIS A 347 -1.88 -7.06 22.88
N THR A 348 -2.09 -6.00 22.15
CA THR A 348 -1.49 -5.89 20.83
C THR A 348 -0.71 -4.59 20.74
N ALA A 349 0.26 -4.50 19.80
CA ALA A 349 0.99 -3.25 19.60
C ALA A 349 0.03 -2.13 19.20
N MET A 350 -1.04 -2.46 18.48
CA MET A 350 -2.00 -1.46 18.02
C MET A 350 -2.72 -0.79 19.18
N MET A 351 -2.76 -1.39 20.34
CA MET A 351 -3.37 -0.74 21.51
C MET A 351 -2.48 0.31 22.14
N ASP A 352 -1.17 0.30 21.83
CA ASP A 352 -0.23 1.24 22.40
C ASP A 352 -0.55 2.70 22.08
N ALA A 353 -1.20 2.98 20.96
CA ALA A 353 -1.57 4.34 20.60
C ALA A 353 -2.63 4.90 21.52
N GLY A 354 -3.32 4.05 22.29
CA GLY A 354 -4.34 4.54 23.21
C GLY A 354 -5.47 5.24 22.51
N ALA A 355 -5.92 4.70 21.38
CA ALA A 355 -6.96 5.29 20.59
C ALA A 355 -7.88 4.24 19.98
N LYS A 356 -9.13 4.59 19.92
CA LYS A 356 -10.17 3.80 19.27
C LYS A 356 -10.57 4.62 18.03
N LEU A 357 -10.67 3.93 16.91
CA LEU A 357 -10.93 4.56 15.62
C LEU A 357 -12.29 4.25 15.07
N THR A 358 -12.98 5.28 14.58
CA THR A 358 -14.31 5.17 14.05
C THR A 358 -14.47 6.02 12.78
N TYR A 359 -15.59 5.86 12.13
CA TYR A 359 -15.96 6.64 10.96
C TYR A 359 -17.10 7.59 11.26
N ILE A 360 -17.60 7.55 12.49
CA ILE A 360 -18.68 8.37 12.99
C ILE A 360 -18.15 9.14 14.20
N ASN A 361 -18.47 10.46 14.22
CA ASN A 361 -17.95 11.21 15.39
C ASN A 361 -18.96 11.27 16.53
N ALA A 362 -18.63 12.00 17.58
CA ALA A 362 -19.43 11.95 18.80
C ALA A 362 -20.82 12.50 18.62
N SER A 363 -21.02 13.39 17.66
CA SER A 363 -22.35 13.92 17.43
C SER A 363 -23.10 13.15 16.36
N GLY A 364 -22.57 12.00 15.92
CA GLY A 364 -23.28 11.18 14.97
C GLY A 364 -22.99 11.39 13.52
N HIS A 365 -22.01 12.28 13.23
CA HIS A 365 -21.67 12.53 11.84
C HIS A 365 -20.78 11.47 11.22
N TYR A 366 -21.26 10.90 10.09
CA TYR A 366 -20.40 9.97 9.37
C TYR A 366 -19.45 10.83 8.55
N ILE A 367 -18.20 10.44 8.46
CA ILE A 367 -17.17 11.28 7.88
C ILE A 367 -17.35 11.55 6.43
N GLY A 368 -17.96 10.68 5.68
CA GLY A 368 -18.13 10.88 4.25
C GLY A 368 -18.90 9.70 3.69
N PRO A 369 -18.85 9.56 2.37
CA PRO A 369 -19.58 8.51 1.69
C PRO A 369 -19.06 7.13 2.02
N LEU A 370 -19.91 6.14 1.74
CA LEU A 370 -19.55 4.74 1.99
C LEU A 370 -18.30 4.37 1.20
N PHE A 371 -17.38 3.72 1.88
CA PHE A 371 -16.16 3.19 1.28
C PHE A 371 -16.20 1.67 1.17
N GLU A 372 -16.60 0.97 2.22
CA GLU A 372 -16.64 -0.50 2.20
C GLU A 372 -17.76 -0.91 3.14
N LYS A 373 -18.70 -1.67 2.56
CA LYS A 373 -19.75 -2.23 3.42
C LYS A 373 -19.26 -3.53 4.06
N ASP A 374 -19.55 -3.73 5.34
CA ASP A 374 -19.24 -4.93 6.08
C ASP A 374 -20.59 -5.57 6.39
N LYS A 375 -20.95 -6.57 5.57
CA LYS A 375 -22.25 -7.23 5.81
C LYS A 375 -22.37 -8.01 7.09
N ALA A 376 -21.30 -8.50 7.71
CA ALA A 376 -21.44 -9.23 8.97
C ALA A 376 -21.70 -8.28 10.13
N ASP A 377 -21.11 -7.08 10.08
CA ASP A 377 -21.35 -6.07 11.10
C ASP A 377 -21.32 -4.69 10.44
N SER A 378 -22.51 -4.14 10.19
CA SER A 378 -22.66 -2.84 9.52
C SER A 378 -22.17 -1.65 10.32
N THR A 379 -22.01 -1.80 11.64
CA THR A 379 -21.41 -0.70 12.41
C THR A 379 -19.91 -0.64 12.11
N ASP A 380 -19.32 -1.61 11.40
CA ASP A 380 -17.93 -1.71 11.02
C ASP A 380 -17.71 -1.29 9.55
N ASN A 381 -18.77 -0.76 8.93
CA ASN A 381 -18.60 -0.18 7.60
C ASN A 381 -17.54 0.95 7.60
N ILE A 382 -16.84 1.06 6.50
CA ILE A 382 -15.82 2.08 6.32
C ILE A 382 -16.40 3.18 5.42
N TYR A 383 -16.08 4.43 5.71
CA TYR A 383 -16.53 5.61 4.99
C TYR A 383 -15.28 6.42 4.62
N TYR A 384 -15.32 7.12 3.48
CA TYR A 384 -14.17 7.86 3.00
C TYR A 384 -14.37 9.38 3.21
N TYR A 385 -13.29 10.11 2.87
CA TYR A 385 -13.17 11.51 3.26
C TYR A 385 -12.18 12.16 2.31
N PRO A 386 -12.73 12.71 1.21
CA PRO A 386 -11.85 13.25 0.17
C PRO A 386 -10.85 14.27 0.64
N LYS A 387 -11.24 15.13 1.58
CA LYS A 387 -10.32 16.13 2.11
C LYS A 387 -9.13 15.53 2.82
N GLY A 388 -9.21 14.25 3.24
CA GLY A 388 -8.11 13.61 3.94
C GLY A 388 -6.86 13.58 3.06
N ILE A 389 -7.00 13.48 1.71
CA ILE A 389 -5.76 13.46 0.91
C ILE A 389 -5.09 14.82 0.95
N TYR A 390 -5.88 15.90 1.03
CA TYR A 390 -5.30 17.24 1.20
C TYR A 390 -4.59 17.36 2.53
N SER A 391 -5.29 16.92 3.61
CA SER A 391 -4.71 16.99 4.94
C SER A 391 -3.42 16.20 5.06
N VAL A 392 -3.41 14.96 4.49
CA VAL A 392 -2.22 14.14 4.57
C VAL A 392 -1.04 14.79 3.84
N MET A 393 -1.28 15.27 2.62
CA MET A 393 -0.19 15.84 1.85
C MET A 393 0.38 17.07 2.53
N ASP A 394 -0.50 17.94 3.02
CA ASP A 394 -0.09 19.13 3.75
C ASP A 394 0.73 18.76 4.96
N TYR A 395 0.32 17.73 5.72
CA TYR A 395 1.03 17.29 6.88
C TYR A 395 2.40 16.78 6.52
N PHE A 396 2.52 15.98 5.47
CA PHE A 396 3.81 15.47 5.08
C PHE A 396 4.77 16.61 4.74
N LYS A 397 4.26 17.58 3.97
CA LYS A 397 5.10 18.73 3.62
C LYS A 397 5.58 19.44 4.86
N ASN A 398 4.67 19.73 5.78
CA ASN A 398 5.01 20.54 6.95
C ASN A 398 5.78 19.82 8.04
N LYS A 399 5.44 18.55 8.27
CA LYS A 399 6.05 17.81 9.36
C LYS A 399 7.30 17.05 8.94
N TYR A 400 7.29 16.64 7.65
CA TYR A 400 8.30 15.75 7.16
C TYR A 400 9.19 16.28 6.05
N TYR A 401 9.52 17.56 6.18
CA TYR A 401 10.57 18.19 5.40
C TYR A 401 10.32 18.20 3.90
N ASN A 402 9.11 18.58 3.51
CA ASN A 402 8.78 18.83 2.12
C ASN A 402 9.31 17.79 1.15
N PRO A 403 8.85 16.56 1.31
CA PRO A 403 9.32 15.49 0.46
C PRO A 403 8.73 15.54 -0.93
N LEU A 404 9.40 14.87 -1.85
CA LEU A 404 8.85 14.54 -3.15
C LEU A 404 7.93 13.32 -2.93
N ILE A 405 6.71 13.44 -3.43
CA ILE A 405 5.69 12.40 -3.21
C ILE A 405 5.07 11.94 -4.51
N TYR A 406 4.81 10.65 -4.59
CA TYR A 406 3.97 10.07 -5.62
C TYR A 406 2.82 9.34 -4.87
N VAL A 407 1.60 9.60 -5.27
CA VAL A 407 0.47 8.87 -4.67
C VAL A 407 0.49 7.51 -5.37
N THR A 408 0.84 6.49 -4.61
CA THR A 408 1.08 5.17 -5.22
C THR A 408 -0.11 4.24 -5.14
N GLU A 409 -1.16 4.58 -4.41
CA GLU A 409 -2.41 3.88 -4.43
C GLU A 409 -3.53 4.84 -3.98
N ASN A 410 -4.68 4.71 -4.59
CA ASN A 410 -5.91 5.40 -4.16
C ASN A 410 -7.04 4.70 -4.91
N GLY A 411 -8.09 4.22 -4.27
CA GLY A 411 -9.14 3.53 -5.03
C GLY A 411 -10.22 3.04 -4.03
N ILE A 412 -11.19 2.38 -4.63
CA ILE A 412 -12.34 1.90 -3.83
C ILE A 412 -12.89 0.63 -4.41
N SER A 413 -13.45 -0.22 -3.58
CA SER A 413 -14.03 -1.47 -4.06
C SER A 413 -15.52 -1.34 -4.36
N THR A 414 -16.01 -2.30 -5.14
CA THR A 414 -17.43 -2.52 -5.35
C THR A 414 -17.65 -4.02 -5.08
N PRO A 415 -18.84 -4.42 -4.67
CA PRO A 415 -19.02 -5.79 -4.22
C PRO A 415 -18.85 -6.81 -5.31
N GLY A 416 -18.30 -7.97 -5.02
CA GLY A 416 -18.22 -9.09 -5.92
C GLY A 416 -19.63 -9.68 -6.15
N ASP A 417 -20.67 -9.41 -5.38
CA ASP A 417 -22.00 -9.96 -5.63
C ASP A 417 -22.68 -9.24 -6.79
N GLU A 418 -22.18 -8.05 -7.19
CA GLU A 418 -22.82 -7.36 -8.32
C GLU A 418 -22.60 -8.21 -9.57
N ASN A 419 -23.47 -8.08 -10.55
CA ASN A 419 -23.31 -8.84 -11.80
C ASN A 419 -22.42 -7.97 -12.67
N ARG A 420 -22.04 -8.48 -13.83
CA ARG A 420 -21.19 -7.74 -14.72
C ARG A 420 -21.66 -6.34 -15.10
N ASN A 421 -22.94 -6.21 -15.48
CA ASN A 421 -23.48 -4.93 -15.84
C ASN A 421 -23.36 -3.94 -14.69
N GLN A 422 -23.76 -4.34 -13.51
CA GLN A 422 -23.66 -3.48 -12.34
C GLN A 422 -22.18 -3.16 -12.11
N SER A 423 -21.32 -4.18 -12.22
CA SER A 423 -19.89 -4.00 -11.97
C SER A 423 -19.24 -3.01 -12.92
N MET A 424 -19.68 -3.02 -14.18
CA MET A 424 -19.16 -2.09 -15.16
C MET A 424 -19.69 -0.68 -14.95
N LEU A 425 -20.88 -0.54 -14.36
CA LEU A 425 -21.43 0.80 -14.10
C LEU A 425 -21.01 1.28 -12.71
N ASP A 426 -19.72 1.55 -12.61
CA ASP A 426 -19.07 1.80 -11.32
C ASP A 426 -18.92 3.30 -11.06
N TYR A 427 -20.11 3.97 -11.07
CA TYR A 427 -20.12 5.41 -10.82
C TYR A 427 -19.62 5.77 -9.42
N THR A 428 -19.78 4.85 -8.46
CA THR A 428 -19.20 5.11 -7.14
C THR A 428 -17.68 5.23 -7.17
N ARG A 429 -17.01 4.58 -8.11
CA ARG A 429 -15.58 4.61 -8.26
C ARG A 429 -15.16 5.89 -8.94
N ILE A 430 -15.90 6.36 -9.94
CA ILE A 430 -15.62 7.68 -10.52
C ILE A 430 -15.71 8.76 -9.43
N ASP A 431 -16.75 8.69 -8.60
CA ASP A 431 -16.93 9.70 -7.55
C ASP A 431 -15.74 9.67 -6.58
N TYR A 432 -15.36 8.45 -6.17
CA TYR A 432 -14.23 8.38 -5.25
C TYR A 432 -12.95 8.94 -5.86
N LEU A 433 -12.64 8.51 -7.08
CA LEU A 433 -11.40 8.92 -7.70
C LEU A 433 -11.37 10.42 -7.96
N CYS A 434 -12.46 10.92 -8.55
CA CYS A 434 -12.46 12.34 -8.89
C CYS A 434 -12.46 13.24 -7.67
N SER A 435 -13.16 12.85 -6.60
CA SER A 435 -13.19 13.71 -5.41
C SER A 435 -11.83 13.80 -4.77
N HIS A 436 -11.05 12.71 -4.81
CA HIS A 436 -9.69 12.71 -4.29
C HIS A 436 -8.76 13.50 -5.21
N LEU A 437 -8.93 13.33 -6.54
CA LEU A 437 -8.06 14.09 -7.43
C LEU A 437 -8.34 15.58 -7.31
N CYS A 438 -9.60 15.97 -7.09
CA CYS A 438 -9.87 17.39 -6.92
C CYS A 438 -9.07 17.92 -5.73
N PHE A 439 -9.11 17.27 -4.57
CA PHE A 439 -8.39 17.69 -3.39
C PHE A 439 -6.90 17.63 -3.60
N LEU A 440 -6.41 16.67 -4.39
CA LEU A 440 -4.97 16.57 -4.63
C LEU A 440 -4.49 17.76 -5.43
N ASN A 441 -5.24 18.12 -6.48
CA ASN A 441 -4.90 19.36 -7.22
C ASN A 441 -4.95 20.54 -6.29
N LYS A 442 -5.99 20.61 -5.46
CA LYS A 442 -6.11 21.76 -4.55
C LYS A 442 -4.94 21.86 -3.59
N VAL A 443 -4.43 20.76 -3.02
CA VAL A 443 -3.35 20.86 -2.06
C VAL A 443 -2.01 21.19 -2.74
N ILE A 444 -1.86 20.73 -3.98
CA ILE A 444 -0.65 21.07 -4.75
C ILE A 444 -0.67 22.58 -4.98
N LYS A 445 -1.82 23.11 -5.40
CA LYS A 445 -1.88 24.55 -5.69
C LYS A 445 -1.82 25.43 -4.47
N GLU A 446 -2.49 25.04 -3.38
CA GLU A 446 -2.60 25.89 -2.21
C GLU A 446 -1.44 25.73 -1.25
N LYS A 447 -0.90 24.52 -1.15
CA LYS A 447 0.14 24.30 -0.15
C LYS A 447 1.49 24.03 -0.79
N ASP A 448 1.53 23.92 -2.11
CA ASP A 448 2.79 23.69 -2.80
C ASP A 448 3.46 22.38 -2.39
N VAL A 449 2.65 21.34 -2.14
CA VAL A 449 3.19 20.04 -1.83
C VAL A 449 3.79 19.48 -3.11
N ASN A 450 4.96 18.86 -3.01
CA ASN A 450 5.68 18.34 -4.16
C ASN A 450 5.21 16.94 -4.57
N VAL A 451 3.98 16.92 -5.05
CA VAL A 451 3.36 15.68 -5.54
C VAL A 451 3.58 15.62 -7.04
N LYS A 452 4.15 14.58 -7.62
CA LYS A 452 4.44 14.50 -9.03
C LYS A 452 3.74 13.38 -9.78
N GLY A 453 2.88 12.59 -9.11
CA GLY A 453 2.12 11.60 -9.87
C GLY A 453 1.07 10.95 -8.96
N TYR A 454 0.20 10.23 -9.62
CA TYR A 454 -0.95 9.59 -9.00
C TYR A 454 -1.25 8.28 -9.73
N LEU A 455 -1.30 7.22 -8.95
CA LEU A 455 -1.53 5.86 -9.46
C LEU A 455 -2.74 5.28 -8.73
N ALA A 456 -3.82 5.14 -9.47
CA ALA A 456 -5.06 4.62 -8.86
C ALA A 456 -4.96 3.09 -8.66
N TRP A 457 -5.52 2.65 -7.55
CA TRP A 457 -5.63 1.24 -7.22
C TRP A 457 -6.92 0.87 -7.97
N ALA A 458 -7.22 -0.18 -8.64
CA ALA A 458 -6.26 -0.97 -9.37
C ALA A 458 -6.41 -0.97 -10.87
N LEU A 459 -5.39 -1.43 -11.59
CA LEU A 459 -5.55 -1.52 -13.06
C LEU A 459 -6.78 -2.34 -13.41
N GLY A 460 -6.89 -3.49 -12.78
CA GLY A 460 -7.98 -4.43 -13.04
C GLY A 460 -8.39 -5.17 -11.77
N ASP A 461 -9.52 -5.90 -11.87
CA ASP A 461 -9.96 -6.71 -10.76
C ASP A 461 -8.90 -7.75 -10.48
N ASN A 462 -8.70 -8.09 -9.24
CA ASN A 462 -7.62 -9.00 -8.85
C ASN A 462 -8.00 -9.71 -7.55
N TYR A 463 -7.09 -10.54 -7.04
CA TYR A 463 -7.28 -11.13 -5.71
C TYR A 463 -7.07 -9.98 -4.71
N GLU A 464 -8.02 -9.66 -3.87
CA GLU A 464 -7.82 -8.67 -2.82
C GLU A 464 -7.40 -9.36 -1.53
N PHE A 465 -6.29 -8.91 -0.98
CA PHE A 465 -5.82 -9.48 0.29
C PHE A 465 -6.97 -9.48 1.28
N ASN A 466 -7.20 -10.58 1.98
CA ASN A 466 -8.20 -10.74 3.02
C ASN A 466 -9.61 -10.90 2.49
N LYS A 467 -9.92 -10.58 1.23
CA LYS A 467 -11.26 -10.58 0.69
C LYS A 467 -11.47 -11.51 -0.48
N GLY A 468 -10.42 -12.16 -0.98
CA GLY A 468 -10.61 -13.08 -2.09
C GLY A 468 -11.08 -12.30 -3.30
N PHE A 469 -12.11 -12.79 -3.96
CA PHE A 469 -12.70 -12.19 -5.13
C PHE A 469 -14.08 -11.62 -4.76
N THR A 470 -14.31 -11.40 -3.46
CA THR A 470 -15.62 -10.91 -3.01
C THR A 470 -15.80 -9.42 -3.18
N VAL A 471 -14.72 -8.72 -3.54
CA VAL A 471 -14.81 -7.31 -3.87
C VAL A 471 -13.97 -7.11 -5.14
N ARG A 472 -14.24 -6.03 -5.85
CA ARG A 472 -13.51 -5.65 -7.04
C ARG A 472 -12.98 -4.23 -6.89
N PHE A 473 -11.72 -4.00 -7.26
CA PHE A 473 -11.12 -2.70 -7.19
C PHE A 473 -10.69 -2.16 -8.54
N GLY A 474 -10.85 -2.94 -9.60
CA GLY A 474 -10.31 -2.50 -10.87
C GLY A 474 -11.02 -1.36 -11.55
N LEU A 475 -10.22 -0.64 -12.36
CA LEU A 475 -10.78 0.34 -13.29
C LEU A 475 -11.14 -0.42 -14.58
N SER A 476 -10.70 -1.65 -14.69
CA SER A 476 -11.06 -2.58 -15.74
C SER A 476 -11.57 -3.88 -15.10
N TYR A 477 -12.59 -4.42 -15.76
CA TYR A 477 -13.28 -5.61 -15.30
C TYR A 477 -12.69 -6.90 -15.78
N ILE A 478 -12.64 -7.90 -14.92
CA ILE A 478 -12.14 -9.22 -15.30
C ILE A 478 -13.20 -10.26 -14.96
N ASP A 479 -13.57 -11.11 -15.91
CA ASP A 479 -14.53 -12.19 -15.68
C ASP A 479 -13.80 -13.38 -15.09
N TRP A 480 -14.11 -13.84 -13.89
CA TRP A 480 -13.37 -14.93 -13.26
C TRP A 480 -13.58 -16.26 -13.95
N ASN A 481 -14.56 -16.36 -14.84
CA ASN A 481 -14.74 -17.61 -15.59
C ASN A 481 -13.90 -17.62 -16.85
N ASN A 482 -13.33 -16.48 -17.18
CA ASN A 482 -12.46 -16.33 -18.34
C ASN A 482 -11.67 -15.04 -18.27
N VAL A 483 -10.54 -15.13 -17.59
CA VAL A 483 -9.77 -13.95 -17.23
C VAL A 483 -8.98 -13.24 -18.30
N THR A 484 -9.00 -13.65 -19.54
CA THR A 484 -8.15 -13.01 -20.55
C THR A 484 -8.37 -11.51 -20.66
N ASP A 485 -9.62 -11.12 -20.92
CA ASP A 485 -9.87 -9.71 -21.11
C ASP A 485 -9.92 -8.86 -19.83
N ARG A 486 -9.53 -7.61 -20.00
CA ARG A 486 -9.61 -6.56 -19.00
C ARG A 486 -10.44 -5.46 -19.69
N ASP A 487 -11.69 -5.30 -19.33
CA ASP A 487 -12.56 -4.35 -20.05
C ASP A 487 -12.74 -3.08 -19.26
N LEU A 488 -12.41 -1.91 -19.82
CA LEU A 488 -12.58 -0.67 -19.04
C LEU A 488 -14.01 -0.50 -18.55
N LYS A 489 -14.13 -0.23 -17.26
CA LYS A 489 -15.43 0.03 -16.66
C LYS A 489 -15.77 1.50 -16.95
N LYS A 490 -16.91 1.97 -16.46
CA LYS A 490 -17.21 3.40 -16.57
C LYS A 490 -16.08 4.21 -15.93
N SER A 491 -15.53 3.76 -14.80
CA SER A 491 -14.43 4.48 -14.18
C SER A 491 -13.23 4.51 -15.10
N GLY A 492 -12.85 3.39 -15.72
CA GLY A 492 -11.72 3.42 -16.64
C GLY A 492 -11.95 4.35 -17.82
N GLN A 493 -13.19 4.37 -18.35
CA GLN A 493 -13.56 5.23 -19.44
C GLN A 493 -13.50 6.68 -19.02
N TRP A 494 -13.95 6.98 -17.81
CA TRP A 494 -13.84 8.33 -17.27
C TRP A 494 -12.36 8.72 -17.15
N TYR A 495 -11.54 7.85 -16.57
CA TYR A 495 -10.14 8.12 -16.32
C TYR A 495 -9.43 8.38 -17.62
N GLN A 496 -9.79 7.66 -18.67
CA GLN A 496 -9.23 7.88 -19.99
C GLN A 496 -9.53 9.32 -20.43
N SER A 497 -10.76 9.78 -20.22
CA SER A 497 -11.11 11.15 -20.64
C SER A 497 -10.44 12.17 -19.74
N PHE A 498 -10.33 11.89 -18.42
CA PHE A 498 -9.59 12.76 -17.51
C PHE A 498 -8.16 12.93 -17.95
N ILE A 499 -7.50 11.84 -18.36
CA ILE A 499 -6.10 11.90 -18.77
C ILE A 499 -5.94 12.64 -20.11
N SER A 500 -6.84 12.38 -21.05
CA SER A 500 -6.76 13.01 -22.38
C SER A 500 -8.12 13.62 -22.74
N PRO A 501 -8.26 14.85 -22.08
CA PRO A 501 -9.59 15.50 -22.17
C PRO A 501 -9.94 16.09 -23.52
C1 NAG B . 5.17 -11.02 24.88
C2 NAG B . 4.55 -12.03 25.87
C3 NAG B . 4.66 -11.13 27.16
C4 NAG B . 6.10 -10.85 27.45
C5 NAG B . 6.71 -10.15 26.25
C6 NAG B . 8.23 -9.89 26.39
C7 NAG B . 2.75 -13.33 25.08
C8 NAG B . 1.22 -13.36 25.00
N2 NAG B . 3.17 -12.16 25.50
O3 NAG B . 4.13 -11.92 28.20
O4 NAG B . 6.08 -9.72 28.40
O5 NAG B . 6.59 -10.96 25.01
O6 NAG B . 8.94 -11.15 26.32
O7 NAG B . 3.36 -14.32 25.07
C1 NAG B . 6.84 -10.01 29.48
C2 NAG B . 7.18 -8.74 30.28
C3 NAG B . 7.91 -9.16 31.50
C4 NAG B . 7.26 -10.39 32.10
C5 NAG B . 7.03 -11.53 31.05
C6 NAG B . 6.28 -12.66 31.79
C7 NAG B . 7.57 -6.72 29.00
C8 NAG B . 8.55 -6.11 27.99
N2 NAG B . 8.06 -7.86 29.52
O3 NAG B . 7.92 -8.04 32.38
O4 NAG B . 8.22 -10.95 32.95
O5 NAG B . 6.05 -11.00 30.15
O6 NAG B . 5.14 -12.00 32.40
O7 NAG B . 6.33 -6.50 28.91
C1 NAG C . -17.66 16.75 23.48
C2 NAG C . -19.02 16.16 23.87
C3 NAG C . -19.50 17.27 24.88
C4 NAG C . -18.50 17.28 26.01
C5 NAG C . -17.15 17.74 25.46
C6 NAG C . -16.00 17.96 26.45
C7 NAG C . -20.47 15.11 22.33
C8 NAG C . -21.37 15.42 21.14
N2 NAG C . -19.82 16.23 22.65
O3 NAG C . -20.72 16.73 25.38
O4 NAG C . -18.92 18.36 26.90
O5 NAG C . -16.71 16.70 24.54
O6 NAG C . -15.82 16.70 27.15
O7 NAG C . -20.38 13.99 22.84
C1 NAG C . -18.85 17.96 28.22
C2 NAG C . -19.09 19.22 29.09
C3 NAG C . -19.17 18.85 30.53
C4 NAG C . -20.22 17.74 30.72
C5 NAG C . -19.84 16.54 29.84
C6 NAG C . -20.87 15.41 29.90
C7 NAG C . -18.18 21.34 28.30
C8 NAG C . -16.95 22.24 28.24
N2 NAG C . -18.01 20.17 28.92
O3 NAG C . -19.62 20.03 31.21
O4 NAG C . -20.19 17.30 32.05
O5 NAG C . -19.85 16.99 28.47
O6 NAG C . -20.33 14.31 29.15
O7 NAG C . -19.25 21.68 27.71
C1 BMA C . -21.38 17.17 32.72
C2 BMA C . -21.17 16.26 33.88
C3 BMA C . -22.40 16.07 34.61
C4 BMA C . -23.11 17.36 34.99
C5 BMA C . -23.23 18.32 33.73
C6 BMA C . -23.69 19.76 34.04
O2 BMA C . -20.10 16.68 34.72
O3 BMA C . -22.27 15.15 35.71
O4 BMA C . -24.40 17.02 35.50
O5 BMA C . -21.90 18.46 33.16
O6 BMA C . -22.92 20.33 35.15
C1 XYP C . -18.90 15.98 34.64
C2 XYP C . -17.76 16.86 35.11
C3 XYP C . -16.44 16.11 35.36
C4 XYP C . -16.70 14.85 36.18
C5 XYP C . -17.78 14.04 35.45
O2 XYP C . -17.43 17.76 34.05
O3 XYP C . -15.54 17.03 36.06
O4 XYP C . -15.53 14.03 36.25
O5 XYP C . -19.01 14.81 35.43
C1 FUC C . -21.85 17.33 24.76
C2 FUC C . -23.09 16.47 25.12
C3 FUC C . -23.26 16.55 26.67
C4 FUC C . -23.38 18.00 27.12
C5 FUC C . -22.18 18.82 26.64
C6 FUC C . -22.44 20.34 26.84
O2 FUC C . -22.84 15.06 24.86
O3 FUC C . -24.59 16.02 26.85
O4 FUC C . -24.56 18.54 26.47
O5 FUC C . -22.05 18.67 25.19
C1 NAG D . 15.58 13.49 16.69
C2 NAG D . 14.48 13.62 17.66
C3 NAG D . 15.14 14.25 18.91
C4 NAG D . 16.32 13.41 19.27
C5 NAG D . 17.34 13.37 18.10
C6 NAG D . 18.53 12.45 18.46
C7 NAG D . 12.23 13.86 16.81
C8 NAG D . 11.30 14.87 16.17
N2 NAG D . 13.44 14.39 17.04
O3 NAG D . 14.15 14.12 19.95
O4 NAG D . 17.02 14.06 20.34
O5 NAG D . 16.72 12.69 16.96
O6 NAG D . 19.48 12.44 17.35
O7 NAG D . 11.91 12.71 17.20
C1 NAG D . 17.39 13.20 21.36
C2 NAG D . 18.36 14.02 22.24
C3 NAG D . 18.69 13.19 23.41
C4 NAG D . 17.41 12.76 24.16
C5 NAG D . 16.46 12.01 23.18
C6 NAG D . 15.13 11.69 23.85
C7 NAG D . 19.96 15.39 21.13
C8 NAG D . 21.29 15.43 20.38
N2 NAG D . 19.63 14.16 21.53
O3 NAG D . 19.49 13.99 24.29
O4 NAG D . 17.89 11.68 24.94
O5 NAG D . 16.21 12.95 22.14
O6 NAG D . 14.35 10.88 22.94
O7 NAG D . 19.20 16.38 21.26
C1 BMA D . 17.63 11.80 26.26
C2 BMA D . 17.41 10.37 26.65
C3 BMA D . 17.08 10.38 28.06
C4 BMA D . 18.32 11.05 28.59
C5 BMA D . 18.65 12.54 28.11
C6 BMA D . 19.94 13.41 28.27
O2 BMA D . 18.64 9.64 26.57
O3 BMA D . 17.15 8.98 28.52
O4 BMA D . 18.01 10.63 29.96
O5 BMA D . 18.90 12.36 26.71
O6 BMA D . 21.19 12.64 28.36
C1 XYP D . 18.56 8.59 25.63
C2 XYP D . 19.88 8.32 24.96
C3 XYP D . 19.79 7.06 24.04
C4 XYP D . 19.47 5.88 24.95
C5 XYP D . 18.12 6.23 25.61
O2 XYP D . 20.22 9.37 24.07
O3 XYP D . 21.03 6.94 23.28
O4 XYP D . 19.25 4.71 24.15
O5 XYP D . 18.24 7.44 26.41
C1 MAN D . 16.02 8.68 29.33
C2 MAN D . 16.24 7.27 29.88
C3 MAN D . 16.33 6.18 28.82
C4 MAN D . 15.02 6.27 27.99
C5 MAN D . 14.93 7.71 27.39
C6 MAN D . 13.59 7.84 26.64
O2 MAN D . 15.16 6.89 30.71
O3 MAN D . 16.29 4.90 29.52
O4 MAN D . 15.02 5.31 26.92
O5 MAN D . 14.89 8.75 28.45
O6 MAN D . 13.65 9.11 26.02
C1 FUC D . 13.30 15.25 19.92
C2 FUC D . 12.09 14.89 20.86
C3 FUC D . 12.79 14.60 22.22
C4 FUC D . 13.49 15.80 22.80
C5 FUC D . 14.63 16.16 21.79
C6 FUC D . 15.11 17.61 22.12
O2 FUC D . 11.61 13.60 20.31
O3 FUC D . 11.76 14.23 23.13
O4 FUC D . 12.54 16.90 22.81
O5 FUC D . 14.03 16.32 20.49
C1 NAG E . -9.71 21.01 -18.22
C2 NAG E . -10.48 21.48 -19.41
C3 NAG E . -10.18 22.97 -19.39
C4 NAG E . -10.54 23.49 -17.99
C5 NAG E . -9.69 22.86 -16.87
C6 NAG E . -9.97 23.33 -15.47
C7 NAG E . -10.89 20.25 -21.51
C8 NAG E . -10.35 19.77 -22.80
N2 NAG E . -10.01 20.86 -20.68
O3 NAG E . -11.04 23.53 -20.37
O4 NAG E . -10.30 24.91 -17.94
O5 NAG E . -10.03 21.45 -16.92
O6 NAG E . -8.98 22.76 -14.62
O7 NAG E . -12.00 20.12 -21.24
C1 NAG F . -2.02 11.09 -25.28
C2 NAG F . -3.04 11.58 -26.29
C3 NAG F . -2.22 12.59 -27.09
C4 NAG F . -1.70 13.63 -26.09
C5 NAG F . -0.83 12.99 -24.99
C6 NAG F . -0.34 13.99 -23.96
C7 NAG F . -4.75 9.91 -27.02
C8 NAG F . -5.04 8.89 -28.06
N2 NAG F . -3.52 10.45 -27.08
O3 NAG F . -3.14 13.12 -28.04
O4 NAG F . -0.83 14.53 -26.80
O5 NAG F . -1.67 12.06 -24.29
O6 NAG F . -1.33 14.74 -23.34
O7 NAG F . -5.52 10.24 -26.24
C1 NAG G . 28.77 -2.49 -3.78
C2 NAG G . 28.52 -2.87 -2.35
C3 NAG G . 29.93 -3.33 -1.98
C4 NAG G . 30.32 -4.39 -3.03
C5 NAG G . 30.32 -3.91 -4.50
C6 NAG G . 30.67 -5.01 -5.46
C7 NAG G . 26.93 -1.39 -0.92
C8 NAG G . 25.60 -1.78 -0.48
N2 NAG G . 27.90 -1.84 -1.65
O3 NAG G . 29.89 -3.91 -0.70
O4 NAG G . 31.70 -4.78 -2.78
O5 NAG G . 28.97 -3.51 -4.77
O6 NAG G . 29.93 -6.16 -5.21
O7 NAG G . 27.33 -0.36 -0.60
C1 NAG H . -11.57 -20.57 10.63
C2 NAG H . -12.47 -20.71 11.82
C3 NAG H . -11.67 -20.76 13.10
C4 NAG H . -10.55 -21.80 12.98
C5 NAG H . -9.60 -21.41 11.84
C6 NAG H . -8.57 -22.51 11.61
C7 NAG H . -14.64 -19.49 11.82
C8 NAG H . -15.30 -18.17 11.95
N2 NAG H . -13.29 -19.47 11.83
O3 NAG H . -12.64 -21.20 14.06
O4 NAG H . -9.75 -21.81 14.18
O5 NAG H . -10.35 -21.29 10.67
O6 NAG H . -7.60 -21.99 10.70
O7 NAG H . -15.24 -20.47 11.72
C1 NAG I . -9.51 -9.14 25.17
C2 NAG I . -10.34 -8.51 26.29
C3 NAG I . -11.78 -8.38 25.86
C4 NAG I . -11.88 -7.63 24.52
C5 NAG I . -10.92 -8.23 23.49
C6 NAG I . -10.73 -7.37 22.25
C7 NAG I . -9.58 -8.95 28.64
C8 NAG I . -9.47 -10.03 29.65
N2 NAG I . -10.25 -9.32 27.52
O3 NAG I . -12.43 -7.66 26.91
O4 NAG I . -13.21 -7.68 23.98
O5 NAG I . -9.64 -8.19 24.08
O6 NAG I . -9.44 -6.83 22.19
O7 NAG I . -9.17 -7.90 28.78
C1 NAG J . -12.55 -16.13 -23.33
C2 NAG J . -12.95 -16.94 -24.52
C3 NAG J . -12.07 -16.67 -25.71
C4 NAG J . -12.05 -15.13 -25.85
C5 NAG J . -11.36 -14.49 -24.62
C6 NAG J . -11.35 -12.98 -24.84
C7 NAG J . -13.98 -19.08 -23.90
C8 NAG J . -13.72 -20.55 -23.73
N2 NAG J . -12.85 -18.37 -24.14
O3 NAG J . -12.78 -17.29 -26.78
O4 NAG J . -11.33 -14.74 -27.02
O5 NAG J . -12.12 -14.78 -23.48
O6 NAG J . -12.63 -12.48 -24.83
O7 NAG J . -15.03 -18.62 -23.85
C1 ASC K . -5.82 1.88 4.87
C2 ASC K . -4.91 0.55 5.29
C3 ASC K . -4.95 -0.38 4.19
C4 ASC K . -5.94 0.26 3.15
C5 ASC K . -7.12 -0.60 2.61
C6 ASC K . -8.01 -0.03 1.50
O1 ASC K . -6.14 2.78 5.25
O2 ASC K . -4.22 0.33 6.29
O3 ASC K . -4.23 -1.53 3.70
O4 ASC K . -6.30 1.54 3.56
O5 ASC K . -7.96 -0.94 3.73
O6 ASC K . -9.01 -1.02 1.12
C1 GOX L . -3.50 -1.50 -0.49
N1 GOX L . -3.26 -0.87 0.67
C2 GOX L . -2.58 -2.68 -0.78
N5 GOX L . -4.85 -1.48 -0.74
O7 GOX L . -4.11 -0.07 1.28
O2 GOX L . -1.28 -2.07 -0.88
C3 GOX L . -3.23 -3.30 -2.00
O3 GOX L . -2.45 -4.48 -2.13
C4 GOX L . -4.73 -3.63 -1.71
O4 GOX L . -5.28 -4.41 -2.76
C5 GOX L . -5.46 -2.20 -1.84
C6 GOX L . -6.94 -2.09 -1.60
O6 GOX L . -7.39 -2.76 -0.36
ZN ZN M . -3.33 -23.41 -4.37
S SO4 N . 8.92 -18.89 17.14
O1 SO4 N . 8.38 -17.83 18.01
O2 SO4 N . 10.35 -19.22 17.47
O3 SO4 N . 8.71 -18.67 15.73
O4 SO4 N . 8.22 -20.21 17.52
S SO4 O . 22.79 -21.54 2.22
O1 SO4 O . 23.80 -20.45 2.26
O2 SO4 O . 22.13 -21.66 0.89
O3 SO4 O . 21.81 -21.30 3.34
O4 SO4 O . 23.52 -22.84 2.50
S SO4 P . -7.55 -0.57 11.26
S SO4 P . -6.27 -2.63 9.93
O1 SO4 P . -6.26 0.06 11.78
O1 SO4 P . -5.13 -3.06 9.02
O2 SO4 P . -7.15 -1.00 9.85
O2 SO4 P . -7.24 -1.95 9.01
O3 SO4 P . -8.58 0.47 11.51
O3 SO4 P . -5.80 -1.67 10.93
O4 SO4 P . -7.85 -1.86 11.95
O4 SO4 P . -6.87 -3.87 10.52
S SO4 Q . -19.74 19.79 -0.34
O1 SO4 Q . -18.40 19.93 0.21
O2 SO4 Q . -20.04 20.79 -1.42
O3 SO4 Q . -20.73 20.09 0.73
O4 SO4 Q . -20.01 18.41 -0.82
S SO4 R . -5.00 12.38 27.68
O1 SO4 R . -5.55 13.69 27.25
O2 SO4 R . -6.17 11.39 27.53
O3 SO4 R . -4.73 12.21 29.16
O4 SO4 R . -3.82 11.95 26.88
S SO4 S . 23.29 -13.52 -10.44
O1 SO4 S . 23.50 -12.06 -10.74
O2 SO4 S . 24.66 -14.18 -10.61
O3 SO4 S . 22.42 -14.00 -11.56
O4 SO4 S . 22.81 -13.88 -9.06
S SO4 T . -15.24 -20.89 6.82
O1 SO4 T . -14.98 -19.62 6.08
O2 SO4 T . -16.72 -21.19 6.82
O3 SO4 T . -14.81 -20.76 8.26
O4 SO4 T . -14.51 -22.04 6.19
C1 GOL U . 2.51 -18.66 6.69
O1 GOL U . 1.12 -18.49 7.03
O1 GOL U . 2.95 -18.62 5.37
C2 GOL U . 3.34 -19.14 7.81
O2 GOL U . 4.71 -19.41 7.61
C3 GOL U . 2.77 -20.37 8.56
O3 GOL U . 2.73 -21.44 7.68
C1 GOL V . 21.00 7.78 -17.01
O1 GOL V . 19.93 7.76 -17.96
C2 GOL V . 21.24 9.16 -16.45
O2 GOL V . 21.69 10.03 -17.51
C3 GOL V . 22.00 9.19 -15.15
O3 GOL V . 23.33 8.86 -15.30
C1 GOL W . 9.86 6.03 -21.94
O1 GOL W . 8.72 6.73 -22.42
C2 GOL W . 10.24 6.52 -20.55
O2 GOL W . 10.80 7.84 -20.57
C3 GOL W . 8.96 6.61 -19.71
O3 GOL W . 9.40 6.98 -18.42
S SO4 X . -5.05 -0.43 4.46
O1 SO4 X . -3.93 -1.13 3.77
O2 SO4 X . -5.49 0.73 3.64
O3 SO4 X . -4.56 0.08 5.79
O4 SO4 X . -6.22 -1.36 4.55
C1 GOL Y . -11.45 22.03 31.18
O1 GOL Y . -10.46 23.01 31.40
C2 GOL Y . -10.84 20.95 30.32
O2 GOL Y . -11.08 21.13 28.92
C3 GOL Y . -11.41 19.58 30.69
O3 GOL Y . -12.69 19.76 31.21
#